data_9F54
#
_entry.id   9F54
#
_cell.length_a   38.065
_cell.length_b   43.889
_cell.length_c   56.104
_cell.angle_alpha   90.000
_cell.angle_beta   94.190
_cell.angle_gamma   90.000
#
_symmetry.space_group_name_H-M   'P 1 21 1'
#
loop_
_entity.id
_entity.type
_entity.pdbx_description
1 polymer 'Heterogeneous nuclear ribonucleoprotein A1, N-terminally processed'
2 non-polymer 1-methyl-3-[(3R)-piperidin-3-yl]-1H-pyrazole-4-carboxamide
3 water water
#
_entity_poly.entity_id   1
_entity_poly.type   'polypeptide(L)'
_entity_poly.pdbx_seq_one_letter_code
;GPMGSKSESPKEPEQLRKLFIGGLSFETTDESLRSHFEQWGTLTDCVVMRDPNTKRSRGFGFVTYATVEEVDAAMNARPH
KVDGRVVEPKRAVSREDSQRPGAHLTVKKIFVGGIKEDTEEHHLRDYFEQYGKIEVIEIMTDRGSGKKRGFAFVTFDDHD
SVDKIVIQKYHTVNGHNCEVRKALSKQEMASASSSQRG
;
_entity_poly.pdbx_strand_id   A
#
loop_
_chem_comp.id
_chem_comp.type
_chem_comp.name
_chem_comp.formula
K3Y non-polymer 1-methyl-3-[(3R)-piperidin-3-yl]-1H-pyrazole-4-carboxamide 'C10 H16 N4 O'
#
# COMPACT_ATOMS: atom_id res chain seq x y z
N PRO A 10 4.10 -5.52 -22.29
CA PRO A 10 3.72 -4.17 -21.84
C PRO A 10 3.94 -3.98 -20.35
N LYS A 11 4.66 -2.92 -19.98
CA LYS A 11 5.08 -2.70 -18.60
C LYS A 11 4.05 -1.90 -17.84
N GLU A 12 3.88 -2.22 -16.57
CA GLU A 12 3.03 -1.40 -15.72
C GLU A 12 3.62 0.00 -15.62
N PRO A 13 2.80 1.02 -15.43
CA PRO A 13 3.32 2.39 -15.25
C PRO A 13 4.38 2.44 -14.16
N GLU A 14 5.46 3.18 -14.43
CA GLU A 14 6.58 3.22 -13.51
C GLU A 14 6.16 3.70 -12.12
N GLN A 15 5.20 4.62 -12.06
CA GLN A 15 4.78 5.16 -10.75
C GLN A 15 4.26 4.05 -9.85
N LEU A 16 3.66 3.01 -10.44
CA LEU A 16 3.11 1.91 -9.66
C LEU A 16 4.16 0.89 -9.27
N ARG A 17 5.40 1.07 -9.71
CA ARG A 17 6.47 0.12 -9.43
C ARG A 17 7.50 0.68 -8.45
N LYS A 18 7.23 1.86 -7.94
CA LYS A 18 8.20 2.54 -7.06
C LYS A 18 7.85 2.37 -5.58
N LEU A 19 8.90 2.31 -4.78
CA LEU A 19 8.67 2.31 -3.33
C LEU A 19 9.46 3.45 -2.71
N PHE A 20 8.78 4.32 -1.97
N PHE A 20 8.78 4.32 -1.96
CA PHE A 20 9.50 5.38 -1.23
CA PHE A 20 9.51 5.39 -1.24
C PHE A 20 9.99 4.72 0.04
C PHE A 20 9.97 4.77 0.07
N ILE A 21 11.27 4.88 0.36
CA ILE A 21 11.84 4.24 1.58
C ILE A 21 12.25 5.35 2.55
N GLY A 22 11.49 5.47 3.63
CA GLY A 22 11.81 6.49 4.63
C GLY A 22 12.58 5.89 5.78
N GLY A 23 13.13 6.75 6.61
CA GLY A 23 13.81 6.29 7.81
C GLY A 23 15.15 5.63 7.57
N LEU A 24 15.83 5.95 6.48
CA LEU A 24 17.11 5.32 6.19
C LEU A 24 18.16 5.72 7.19
N SER A 25 19.08 4.79 7.45
CA SER A 25 20.35 5.19 8.05
C SER A 25 21.05 6.18 7.14
N PHE A 26 21.66 7.20 7.75
CA PHE A 26 22.46 8.14 6.96
C PHE A 26 23.65 7.48 6.28
N GLU A 27 24.06 6.27 6.72
CA GLU A 27 25.14 5.54 6.05
C GLU A 27 24.68 4.75 4.83
N THR A 28 23.38 4.62 4.61
CA THR A 28 22.88 3.90 3.45
C THR A 28 23.20 4.65 2.16
N THR A 29 23.67 3.90 1.16
CA THR A 29 24.06 4.44 -0.14
C THR A 29 23.15 3.86 -1.21
N ASP A 30 23.25 4.45 -2.42
CA ASP A 30 22.58 3.85 -3.57
C ASP A 30 22.90 2.37 -3.64
N GLU A 31 24.17 2.04 -3.41
CA GLU A 31 24.62 0.66 -3.59
C GLU A 31 24.08 -0.25 -2.49
N SER A 32 24.09 0.20 -1.24
CA SER A 32 23.62 -0.70 -0.18
C SER A 32 22.10 -0.80 -0.16
N LEU A 33 21.40 0.27 -0.53
CA LEU A 33 19.95 0.18 -0.69
C LEU A 33 19.60 -0.80 -1.80
N ARG A 34 20.33 -0.74 -2.92
CA ARG A 34 20.09 -1.67 -4.04
C ARG A 34 20.39 -3.11 -3.63
N SER A 35 21.55 -3.35 -3.00
CA SER A 35 21.87 -4.71 -2.59
C SER A 35 20.79 -5.29 -1.68
N HIS A 36 20.21 -4.46 -0.79
CA HIS A 36 19.14 -4.96 0.04
C HIS A 36 17.88 -5.29 -0.77
N PHE A 37 17.37 -4.31 -1.52
CA PHE A 37 16.05 -4.50 -2.12
C PHE A 37 16.06 -5.36 -3.38
N GLU A 38 17.23 -5.63 -3.96
CA GLU A 38 17.32 -6.59 -5.07
C GLU A 38 16.96 -8.01 -4.64
N GLN A 39 16.87 -8.28 -3.34
CA GLN A 39 16.44 -9.62 -2.92
C GLN A 39 15.02 -9.93 -3.37
N TRP A 40 14.19 -8.92 -3.64
CA TRP A 40 12.79 -9.17 -3.96
C TRP A 40 12.43 -8.83 -5.41
N GLY A 41 13.42 -8.51 -6.23
CA GLY A 41 13.16 -8.34 -7.65
C GLY A 41 14.22 -7.50 -8.32
N THR A 42 14.04 -7.36 -9.63
CA THR A 42 14.92 -6.54 -10.46
C THR A 42 14.65 -5.07 -10.21
N LEU A 43 15.70 -4.31 -9.90
CA LEU A 43 15.57 -2.87 -9.65
C LEU A 43 16.03 -2.10 -10.87
N THR A 44 15.11 -1.34 -11.48
CA THR A 44 15.49 -0.47 -12.59
C THR A 44 16.02 0.89 -12.12
N ASP A 45 15.76 1.26 -10.87
CA ASP A 45 16.27 2.50 -10.31
C ASP A 45 16.39 2.34 -8.80
N CYS A 46 17.34 3.06 -8.19
CA CYS A 46 17.56 2.98 -6.76
C CYS A 46 18.42 4.19 -6.36
N VAL A 47 17.83 5.12 -5.60
N VAL A 47 17.85 5.11 -5.59
CA VAL A 47 18.47 6.40 -5.27
CA VAL A 47 18.54 6.35 -5.26
C VAL A 47 18.28 6.69 -3.79
C VAL A 47 18.29 6.73 -3.80
N VAL A 48 19.36 7.16 -3.14
CA VAL A 48 19.28 7.79 -1.82
C VAL A 48 19.26 9.30 -2.03
N MET A 49 18.31 9.98 -1.41
CA MET A 49 18.23 11.43 -1.55
C MET A 49 19.28 12.06 -0.66
N ARG A 50 20.02 13.03 -1.20
CA ARG A 50 21.10 13.68 -0.47
C ARG A 50 20.99 15.19 -0.64
N ASP A 51 21.59 15.89 0.33
CA ASP A 51 21.69 17.33 0.25
C ASP A 51 22.58 17.74 -0.94
N PRO A 52 22.17 18.75 -1.73
CA PRO A 52 22.95 19.10 -2.92
C PRO A 52 24.33 19.67 -2.60
N ASN A 53 24.52 20.28 -1.43
CA ASN A 53 25.79 20.90 -1.07
C ASN A 53 26.66 20.01 -0.18
N THR A 54 26.09 19.40 0.85
CA THR A 54 26.88 18.61 1.79
C THR A 54 27.03 17.15 1.39
N LYS A 55 26.15 16.66 0.52
CA LYS A 55 26.01 15.25 0.16
C LYS A 55 25.59 14.39 1.34
N ARG A 56 25.22 14.99 2.46
CA ARG A 56 24.70 14.21 3.58
C ARG A 56 23.32 13.68 3.24
N SER A 57 23.08 12.41 3.59
CA SER A 57 21.79 11.80 3.33
C SER A 57 20.64 12.60 3.92
N ARG A 58 19.54 12.66 3.18
CA ARG A 58 18.28 13.18 3.69
C ARG A 58 17.47 12.13 4.42
N GLY A 59 17.96 10.90 4.49
CA GLY A 59 17.31 9.86 5.28
C GLY A 59 16.16 9.18 4.59
N PHE A 60 16.05 9.39 3.30
CA PHE A 60 15.02 8.63 2.54
C PHE A 60 15.51 8.47 1.11
N GLY A 61 14.82 7.58 0.42
CA GLY A 61 15.16 7.35 -0.99
C GLY A 61 14.06 6.54 -1.63
N PHE A 62 14.33 6.06 -2.85
N PHE A 62 14.34 6.03 -2.84
CA PHE A 62 13.31 5.25 -3.55
CA PHE A 62 13.31 5.27 -3.57
C PHE A 62 13.94 4.16 -4.39
C PHE A 62 13.94 4.16 -4.38
N VAL A 63 13.17 3.10 -4.62
CA VAL A 63 13.66 1.99 -5.48
C VAL A 63 12.52 1.79 -6.50
N THR A 64 12.86 1.42 -7.72
CA THR A 64 11.83 1.10 -8.71
C THR A 64 12.04 -0.34 -9.17
N TYR A 65 11.00 -1.16 -9.02
CA TYR A 65 11.08 -2.52 -9.47
C TYR A 65 10.62 -2.67 -10.92
N ALA A 66 10.95 -3.82 -11.51
CA ALA A 66 10.54 -4.10 -12.88
C ALA A 66 9.04 -4.40 -13.01
N THR A 67 8.41 -4.91 -11.94
CA THR A 67 6.98 -5.27 -11.99
C THR A 67 6.31 -4.95 -10.66
N VAL A 68 4.98 -4.85 -10.71
CA VAL A 68 4.19 -4.64 -9.50
C VAL A 68 4.29 -5.84 -8.58
N GLU A 69 4.34 -7.06 -9.14
CA GLU A 69 4.46 -8.24 -8.28
C GLU A 69 5.73 -8.18 -7.44
N GLU A 70 6.80 -7.57 -7.97
CA GLU A 70 8.01 -7.41 -7.18
C GLU A 70 7.81 -6.41 -6.04
N VAL A 71 7.09 -5.30 -6.30
CA VAL A 71 6.73 -4.39 -5.23
C VAL A 71 5.99 -5.13 -4.13
N ASP A 72 5.02 -5.95 -4.53
CA ASP A 72 4.27 -6.75 -3.57
C ASP A 72 5.21 -7.61 -2.72
N ALA A 73 6.14 -8.30 -3.38
CA ALA A 73 7.09 -9.16 -2.70
C ALA A 73 7.89 -8.38 -1.66
N ALA A 74 8.37 -7.20 -2.05
CA ALA A 74 9.12 -6.38 -1.12
C ALA A 74 8.25 -5.95 0.06
N MET A 75 7.02 -5.52 -0.21
CA MET A 75 6.16 -5.11 0.90
C MET A 75 5.79 -6.29 1.79
N ASN A 76 5.64 -7.48 1.23
CA ASN A 76 5.31 -8.64 2.06
C ASN A 76 6.51 -9.10 2.88
N ALA A 77 7.72 -8.63 2.58
CA ALA A 77 8.91 -8.98 3.34
C ALA A 77 9.26 -7.97 4.43
N ARG A 78 8.40 -6.96 4.65
CA ARG A 78 8.59 -6.08 5.79
C ARG A 78 8.49 -6.89 7.08
N PRO A 79 9.14 -6.44 8.16
CA PRO A 79 9.95 -5.23 8.28
C PRO A 79 11.29 -5.42 7.61
N HIS A 80 11.77 -4.33 7.00
CA HIS A 80 13.06 -4.28 6.34
C HIS A 80 14.06 -3.57 7.24
N LYS A 81 15.12 -4.27 7.60
CA LYS A 81 16.23 -3.66 8.35
C LYS A 81 17.35 -3.46 7.35
N VAL A 82 17.66 -2.19 7.08
CA VAL A 82 18.62 -1.81 6.03
C VAL A 82 19.78 -1.12 6.72
N ASP A 83 20.96 -1.70 6.61
CA ASP A 83 22.16 -1.14 7.24
C ASP A 83 21.91 -0.87 8.73
N GLY A 84 21.20 -1.80 9.38
CA GLY A 84 21.00 -1.79 10.81
C GLY A 84 19.80 -1.01 11.30
N ARG A 85 18.99 -0.44 10.42
CA ARG A 85 17.87 0.41 10.81
C ARG A 85 16.60 -0.10 10.14
N VAL A 86 15.51 -0.19 10.89
CA VAL A 86 14.24 -0.58 10.29
C VAL A 86 13.69 0.61 9.52
N VAL A 87 13.46 0.42 8.22
CA VAL A 87 13.04 1.51 7.34
C VAL A 87 11.54 1.44 7.13
N GLU A 88 10.99 2.43 6.42
CA GLU A 88 9.55 2.55 6.21
C GLU A 88 9.23 2.65 4.74
N PRO A 89 8.96 1.53 4.06
CA PRO A 89 8.62 1.59 2.64
C PRO A 89 7.14 1.86 2.45
N LYS A 90 6.83 2.65 1.42
CA LYS A 90 5.44 2.93 1.05
C LYS A 90 5.37 3.06 -0.46
N ARG A 91 4.26 2.62 -1.05
CA ARG A 91 4.08 2.86 -2.47
C ARG A 91 3.92 4.34 -2.75
N ALA A 92 4.38 4.76 -3.92
CA ALA A 92 4.20 6.13 -4.41
C ALA A 92 2.74 6.56 -4.30
N HIS A 104 2.09 11.09 1.22
CA HIS A 104 1.33 9.87 1.36
C HIS A 104 0.31 10.00 2.48
N LEU A 105 -0.95 9.70 2.17
CA LEU A 105 -2.01 9.66 3.17
C LEU A 105 -2.08 8.23 3.70
N THR A 106 -1.44 7.98 4.84
CA THR A 106 -1.17 6.62 5.30
C THR A 106 -2.24 6.17 6.28
N VAL A 107 -3.24 5.44 5.78
CA VAL A 107 -4.35 5.01 6.62
C VAL A 107 -4.59 3.53 6.41
N LYS A 108 -5.34 2.94 7.34
CA LYS A 108 -5.61 1.50 7.32
C LYS A 108 -7.08 1.20 7.06
N LYS A 109 -7.89 2.20 6.74
CA LYS A 109 -9.33 2.03 6.62
C LYS A 109 -9.79 2.53 5.27
N ILE A 110 -10.74 1.81 4.66
CA ILE A 110 -11.34 2.23 3.41
C ILE A 110 -12.85 2.38 3.59
N PHE A 111 -13.39 3.28 2.79
CA PHE A 111 -14.82 3.39 2.52
C PHE A 111 -15.15 2.57 1.28
N VAL A 112 -16.23 1.81 1.34
CA VAL A 112 -16.69 0.97 0.23
C VAL A 112 -18.13 1.36 -0.03
N GLY A 113 -18.38 1.95 -1.21
CA GLY A 113 -19.72 2.42 -1.51
C GLY A 113 -20.33 1.72 -2.70
N GLY A 114 -21.66 1.75 -2.79
CA GLY A 114 -22.34 1.13 -3.90
C GLY A 114 -22.68 -0.32 -3.71
N ILE A 115 -22.65 -0.82 -2.47
CA ILE A 115 -22.92 -2.23 -2.22
C ILE A 115 -24.40 -2.54 -2.03
N LYS A 116 -25.25 -1.52 -2.02
CA LYS A 116 -26.70 -1.69 -1.95
C LYS A 116 -27.11 -2.39 -0.67
N GLU A 117 -28.29 -3.00 -0.66
CA GLU A 117 -28.84 -3.60 0.55
C GLU A 117 -28.62 -5.11 0.64
N ASP A 118 -28.07 -5.75 -0.39
CA ASP A 118 -27.93 -7.20 -0.38
C ASP A 118 -26.51 -7.67 -0.07
N THR A 119 -25.55 -6.76 0.12
CA THR A 119 -24.17 -7.13 0.39
C THR A 119 -23.98 -7.36 1.89
N GLU A 120 -23.35 -8.48 2.23
CA GLU A 120 -23.13 -8.90 3.61
C GLU A 120 -21.64 -8.94 3.95
N GLU A 121 -21.36 -9.19 5.23
CA GLU A 121 -19.98 -9.17 5.70
C GLU A 121 -19.11 -10.15 4.92
N HIS A 122 -19.61 -11.35 4.67
CA HIS A 122 -18.76 -12.37 4.07
C HIS A 122 -18.39 -12.01 2.63
N HIS A 123 -19.29 -11.32 1.91
CA HIS A 123 -18.95 -10.82 0.57
C HIS A 123 -17.72 -9.90 0.64
N LEU A 124 -17.76 -8.94 1.56
CA LEU A 124 -16.65 -8.00 1.72
C LEU A 124 -15.40 -8.70 2.21
N ARG A 125 -15.54 -9.61 3.20
CA ARG A 125 -14.37 -10.32 3.71
C ARG A 125 -13.73 -11.17 2.62
N ASP A 126 -14.53 -11.98 1.91
CA ASP A 126 -13.95 -12.88 0.93
C ASP A 126 -13.19 -12.12 -0.14
N TYR A 127 -13.66 -10.93 -0.51
CA TYR A 127 -12.96 -10.13 -1.50
C TYR A 127 -11.75 -9.43 -0.91
N PHE A 128 -11.94 -8.67 0.18
CA PHE A 128 -10.86 -7.80 0.61
C PHE A 128 -9.75 -8.53 1.38
N GLU A 129 -10.00 -9.76 1.86
CA GLU A 129 -8.97 -10.47 2.62
C GLU A 129 -7.75 -10.79 1.77
N GLN A 130 -7.89 -10.78 0.45
CA GLN A 130 -6.75 -11.03 -0.42
C GLN A 130 -5.87 -9.80 -0.61
N TYR A 131 -6.28 -8.64 -0.10
CA TYR A 131 -5.43 -7.46 -0.07
C TYR A 131 -4.67 -7.31 1.24
N GLY A 132 -5.18 -7.86 2.33
CA GLY A 132 -4.51 -7.71 3.59
C GLY A 132 -5.35 -8.29 4.69
N LYS A 133 -4.77 -8.30 5.89
CA LYS A 133 -5.43 -8.89 7.04
C LYS A 133 -6.49 -7.93 7.56
N ILE A 134 -7.74 -8.39 7.65
CA ILE A 134 -8.85 -7.53 8.03
C ILE A 134 -9.05 -7.57 9.53
N GLU A 135 -9.21 -6.40 10.14
CA GLU A 135 -9.52 -6.31 11.57
C GLU A 135 -10.98 -5.95 11.85
N VAL A 136 -11.60 -5.11 11.04
CA VAL A 136 -12.98 -4.69 11.28
C VAL A 136 -13.72 -4.58 9.95
N ILE A 137 -14.94 -5.09 9.90
CA ILE A 137 -15.85 -4.80 8.80
C ILE A 137 -17.10 -4.20 9.39
N GLU A 138 -17.48 -3.01 8.92
CA GLU A 138 -18.63 -2.28 9.44
C GLU A 138 -19.58 -1.97 8.29
N ILE A 139 -20.66 -2.74 8.19
CA ILE A 139 -21.69 -2.50 7.19
C ILE A 139 -22.66 -1.48 7.78
N MET A 140 -22.82 -0.35 7.10
CA MET A 140 -23.52 0.78 7.68
C MET A 140 -25.03 0.61 7.55
N THR A 141 -25.74 0.91 8.63
CA THR A 141 -27.19 0.80 8.68
C THR A 141 -27.77 2.14 9.13
N ASP A 142 -29.04 2.34 8.79
CA ASP A 142 -29.73 3.58 9.13
C ASP A 142 -30.04 3.63 10.62
N ARG A 143 -29.69 4.76 11.25
CA ARG A 143 -29.84 4.94 12.69
C ARG A 143 -31.30 4.81 13.14
N GLY A 144 -32.24 5.16 12.26
CA GLY A 144 -33.65 5.14 12.61
C GLY A 144 -34.34 3.83 12.30
N SER A 145 -34.07 3.27 11.13
CA SER A 145 -34.78 2.09 10.63
C SER A 145 -33.98 0.80 10.70
N GLY A 146 -32.66 0.88 10.84
CA GLY A 146 -31.81 -0.28 10.76
C GLY A 146 -31.58 -0.82 9.37
N LYS A 147 -32.13 -0.20 8.34
CA LYS A 147 -31.91 -0.69 6.98
C LYS A 147 -30.49 -0.40 6.54
N LYS A 148 -29.96 -1.30 5.70
CA LYS A 148 -28.63 -1.06 5.17
C LYS A 148 -28.62 0.17 4.29
N ARG A 149 -27.56 0.96 4.40
CA ARG A 149 -27.44 2.20 3.67
C ARG A 149 -26.65 2.07 2.37
N GLY A 150 -26.02 0.94 2.13
CA GLY A 150 -25.33 0.72 0.87
C GLY A 150 -23.87 1.11 0.89
N PHE A 151 -23.25 1.20 2.06
CA PHE A 151 -21.80 1.38 2.11
C PHE A 151 -21.26 0.76 3.40
N ALA A 152 -19.94 0.63 3.44
CA ALA A 152 -19.28 -0.08 4.51
C ALA A 152 -17.88 0.50 4.70
N PHE A 153 -17.30 0.20 5.84
CA PHE A 153 -15.89 0.50 6.11
C PHE A 153 -15.16 -0.78 6.43
N VAL A 154 -13.94 -0.92 5.90
CA VAL A 154 -13.10 -2.07 6.18
C VAL A 154 -11.78 -1.55 6.74
N THR A 155 -11.37 -2.07 7.90
CA THR A 155 -10.13 -1.71 8.55
C THR A 155 -9.17 -2.88 8.48
N PHE A 156 -7.95 -2.61 7.99
CA PHE A 156 -6.90 -3.59 7.87
C PHE A 156 -5.86 -3.39 8.97
N ASP A 157 -4.97 -4.36 9.11
CA ASP A 157 -3.91 -4.19 10.11
C ASP A 157 -2.72 -3.38 9.60
N ASP A 158 -2.77 -2.92 8.34
CA ASP A 158 -1.59 -2.29 7.76
C ASP A 158 -1.99 -1.48 6.54
N HIS A 159 -1.24 -0.40 6.29
CA HIS A 159 -1.64 0.56 5.28
C HIS A 159 -1.43 0.06 3.86
N ASP A 160 -0.55 -0.93 3.64
CA ASP A 160 -0.25 -1.29 2.25
C ASP A 160 -1.46 -1.94 1.59
N SER A 161 -2.27 -2.67 2.35
N SER A 161 -2.29 -2.65 2.36
CA SER A 161 -3.52 -3.20 1.82
CA SER A 161 -3.52 -3.22 1.82
C SER A 161 -4.35 -2.10 1.18
C SER A 161 -4.38 -2.11 1.20
N VAL A 162 -4.58 -1.02 1.94
CA VAL A 162 -5.33 0.12 1.43
C VAL A 162 -4.67 0.72 0.19
N ASP A 163 -3.34 0.89 0.23
CA ASP A 163 -2.64 1.47 -0.91
C ASP A 163 -2.82 0.63 -2.16
N LYS A 164 -2.79 -0.70 -2.03
CA LYS A 164 -3.05 -1.56 -3.18
C LYS A 164 -4.49 -1.40 -3.67
N ILE A 165 -5.42 -1.30 -2.73
CA ILE A 165 -6.83 -1.27 -3.10
C ILE A 165 -7.16 -0.01 -3.89
N VAL A 166 -6.69 1.16 -3.43
CA VAL A 166 -7.19 2.40 -3.99
C VAL A 166 -6.58 2.75 -5.33
N ILE A 167 -5.50 2.06 -5.74
CA ILE A 167 -4.96 2.32 -7.07
C ILE A 167 -5.60 1.44 -8.14
N GLN A 168 -6.39 0.44 -7.77
CA GLN A 168 -7.15 -0.31 -8.77
C GLN A 168 -8.21 0.58 -9.40
N LYS A 169 -8.42 0.41 -10.72
CA LYS A 169 -9.49 1.15 -11.39
C LYS A 169 -10.88 0.66 -10.97
N TYR A 170 -11.03 -0.63 -10.69
CA TYR A 170 -12.34 -1.25 -10.48
C TYR A 170 -12.32 -2.16 -9.26
N HIS A 171 -13.47 -2.23 -8.59
CA HIS A 171 -13.70 -3.25 -7.56
C HIS A 171 -15.09 -3.80 -7.75
N THR A 172 -15.18 -5.13 -7.91
CA THR A 172 -16.44 -5.83 -8.10
C THR A 172 -16.66 -6.71 -6.88
N VAL A 173 -17.72 -6.44 -6.13
CA VAL A 173 -18.05 -7.17 -4.90
C VAL A 173 -19.54 -7.48 -4.94
N ASN A 174 -19.87 -8.78 -4.86
CA ASN A 174 -21.26 -9.22 -4.86
C ASN A 174 -21.99 -8.72 -6.11
N GLY A 175 -21.28 -8.77 -7.25
CA GLY A 175 -21.81 -8.28 -8.50
C GLY A 175 -21.87 -6.78 -8.66
N HIS A 176 -21.70 -6.02 -7.58
CA HIS A 176 -21.76 -4.57 -7.66
C HIS A 176 -20.40 -4.00 -8.03
N ASN A 177 -20.41 -2.96 -8.86
CA ASN A 177 -19.22 -2.15 -9.11
C ASN A 177 -19.14 -1.09 -8.01
N CYS A 178 -18.09 -1.15 -7.19
CA CYS A 178 -18.02 -0.38 -5.97
C CYS A 178 -17.06 0.80 -6.09
N GLU A 179 -17.37 1.85 -5.34
CA GLU A 179 -16.49 2.99 -5.16
C GLU A 179 -15.70 2.77 -3.87
N VAL A 180 -14.36 2.83 -3.96
CA VAL A 180 -13.53 2.58 -2.78
C VAL A 180 -12.57 3.75 -2.63
N ARG A 181 -12.49 4.29 -1.42
CA ARG A 181 -11.54 5.35 -1.16
C ARG A 181 -11.00 5.23 0.25
N LYS A 182 -9.88 5.93 0.50
CA LYS A 182 -9.32 6.00 1.84
C LYS A 182 -10.30 6.67 2.78
N ALA A 183 -10.38 6.15 4.00
CA ALA A 183 -11.28 6.67 5.03
C ALA A 183 -10.45 7.23 6.18
N LEU A 184 -10.75 8.47 6.56
CA LEU A 184 -10.05 9.23 7.61
C LEU A 184 -8.54 9.01 7.61
N1 K3Y B . -27.51 2.00 17.83
N3 K3Y B . -29.07 0.51 12.45
C4 K3Y B . -27.61 2.25 14.61
C5 K3Y B . -28.78 1.33 14.74
C6 K3Y B . -28.36 -0.10 15.01
C7 K3Y B . -29.30 -1.08 14.33
C8 K3Y B . -29.26 -0.89 12.82
N K3Y B . -25.97 3.33 13.70
C K3Y B . -25.05 3.75 12.65
O K3Y B . -27.79 4.28 17.40
C1 K3Y B . -26.02 3.73 14.98
C2 K3Y B . -27.07 3.05 15.56
C3 K3Y B . -27.48 3.19 16.95
C9 K3Y B . -29.64 1.38 13.49
N2 K3Y B . -26.94 2.41 13.45
#